data_4B50
#
_entry.id   4B50
#
_cell.length_a   89.950
_cell.length_b   89.950
_cell.length_c   89.950
_cell.angle_alpha   90.00
_cell.angle_beta   90.00
_cell.angle_gamma   90.00
#
_symmetry.space_group_name_H-M   'I 2 3'
#
loop_
_entity.id
_entity.type
_entity.pdbx_description
1 polymer '2H10 LLAMA VHH'
2 water water
#
_entity_poly.entity_id   1
_entity_poly.type   'polypeptide(L)'
_entity_poly.pdbx_seq_one_letter_code
;EVQLVESGGGLVQPGGSLRLSCAASGSISSVDVMSWYRQAPGKQRELVAFITDRGRTNYKVSVKGRFTISRDNSKNMVYL
QMNSLKPEDTADYLCRAESRTSWSSPSPLDVWGRGTQVTVSS
;
_entity_poly.pdbx_strand_id   A
#
# COMPACT_ATOMS: atom_id res chain seq x y z
N GLU A 1 17.39 7.03 5.43
CA GLU A 1 16.50 6.07 4.80
C GLU A 1 15.14 6.10 5.48
N VAL A 2 14.07 6.18 4.69
CA VAL A 2 12.73 6.25 5.26
C VAL A 2 12.33 4.95 5.95
N GLN A 3 11.46 5.08 6.94
CA GLN A 3 10.84 3.95 7.62
C GLN A 3 9.34 4.02 7.35
N LEU A 4 8.70 2.87 7.17
CA LEU A 4 7.28 2.81 6.82
C LEU A 4 6.50 2.03 7.86
N VAL A 5 5.35 2.57 8.26
N VAL A 5 5.34 2.56 8.24
N VAL A 5 5.36 2.56 8.26
CA VAL A 5 4.46 1.90 9.22
CA VAL A 5 4.47 1.89 9.19
CA VAL A 5 4.48 1.85 9.18
C VAL A 5 3.02 1.97 8.70
C VAL A 5 3.02 1.97 8.72
C VAL A 5 3.03 1.96 8.72
N GLU A 6 2.39 0.81 8.54
CA GLU A 6 1.02 0.74 8.05
C GLU A 6 0.01 0.71 9.18
N SER A 7 -1.16 1.27 8.93
N SER A 7 -1.17 1.28 8.92
CA SER A 7 -2.27 1.16 9.86
CA SER A 7 -2.27 1.24 9.87
C SER A 7 -3.57 1.11 9.07
C SER A 7 -3.60 1.32 9.13
N GLY A 8 -4.67 0.85 9.77
CA GLY A 8 -5.99 0.89 9.18
C GLY A 8 -6.62 -0.46 8.98
N GLY A 9 -5.86 -1.53 9.22
CA GLY A 9 -6.38 -2.87 9.09
C GLY A 9 -7.52 -3.15 10.06
N GLY A 10 -8.32 -4.14 9.72
CA GLY A 10 -9.40 -4.60 10.57
C GLY A 10 -10.21 -5.63 9.81
N LEU A 11 -11.31 -6.06 10.41
CA LEU A 11 -12.23 -6.92 9.69
C LEU A 11 -13.40 -6.09 9.19
N VAL A 12 -13.99 -6.53 8.09
N VAL A 12 -13.96 -6.51 8.07
N VAL A 12 -13.98 -6.53 8.08
CA VAL A 12 -15.12 -5.82 7.52
CA VAL A 12 -15.11 -5.86 7.47
CA VAL A 12 -15.12 -5.84 7.48
C VAL A 12 -15.95 -6.83 6.70
C VAL A 12 -15.97 -6.90 6.78
C VAL A 12 -15.94 -6.79 6.62
N GLN A 13 -17.24 -6.56 6.56
CA GLN A 13 -18.13 -7.40 5.76
C GLN A 13 -17.76 -7.32 4.31
N PRO A 14 -18.02 -8.41 3.56
CA PRO A 14 -17.94 -8.30 2.11
C PRO A 14 -18.84 -7.16 1.63
N GLY A 15 -18.34 -6.38 0.66
CA GLY A 15 -19.04 -5.20 0.22
C GLY A 15 -18.59 -3.95 0.95
N GLY A 16 -17.90 -4.12 2.07
CA GLY A 16 -17.49 -2.97 2.87
C GLY A 16 -16.25 -2.28 2.37
N SER A 17 -15.86 -1.21 3.08
CA SER A 17 -14.69 -0.41 2.75
C SER A 17 -13.71 -0.33 3.91
N LEU A 18 -12.44 -0.16 3.58
N LEU A 18 -12.45 -0.08 3.57
CA LEU A 18 -11.40 0.13 4.56
CA LEU A 18 -11.38 0.09 4.55
C LEU A 18 -10.50 1.16 3.92
C LEU A 18 -10.31 0.99 3.95
N ARG A 19 -9.82 1.94 4.74
CA ARG A 19 -8.78 2.85 4.27
C ARG A 19 -7.49 2.57 5.04
N LEU A 20 -6.45 2.18 4.30
CA LEU A 20 -5.16 1.90 4.90
C LEU A 20 -4.27 3.10 4.76
N SER A 21 -3.39 3.29 5.74
CA SER A 21 -2.43 4.38 5.73
C SER A 21 -1.03 3.81 5.82
N CYS A 22 -0.13 4.33 4.99
N CYS A 22 -0.14 4.36 5.01
CA CYS A 22 1.29 4.04 5.11
CA CYS A 22 1.28 4.05 5.08
C CYS A 22 2.01 5.32 5.48
C CYS A 22 1.99 5.34 5.49
N ALA A 23 2.48 5.38 6.72
CA ALA A 23 3.13 6.58 7.24
C ALA A 23 4.63 6.43 7.11
N ALA A 24 5.24 7.40 6.45
CA ALA A 24 6.70 7.44 6.31
C ALA A 24 7.32 8.39 7.33
N SER A 25 8.54 8.07 7.74
CA SER A 25 9.26 8.87 8.74
C SER A 25 9.78 10.18 8.17
N GLY A 26 9.68 10.34 6.85
CA GLY A 26 10.14 11.55 6.19
C GLY A 26 9.57 11.65 4.78
N SER A 27 9.96 12.70 4.07
CA SER A 27 9.46 12.93 2.72
C SER A 27 9.64 11.71 1.83
N ILE A 28 8.60 11.38 1.09
CA ILE A 28 8.66 10.31 0.11
C ILE A 28 8.38 10.88 -1.28
N SER A 29 8.32 12.21 -1.36
CA SER A 29 8.00 12.88 -2.62
C SER A 29 8.99 12.54 -3.73
N SER A 30 10.19 12.14 -3.34
CA SER A 30 11.26 11.87 -4.29
C SER A 30 11.43 10.37 -4.58
N VAL A 31 10.71 9.53 -3.85
CA VAL A 31 10.77 8.09 -4.03
C VAL A 31 10.20 7.71 -5.39
N ASP A 32 10.91 6.88 -6.15
CA ASP A 32 10.45 6.53 -7.49
C ASP A 32 9.04 5.96 -7.43
N VAL A 33 8.83 4.99 -6.54
N VAL A 33 8.81 5.02 -6.53
CA VAL A 33 7.57 4.28 -6.46
CA VAL A 33 7.51 4.39 -6.48
C VAL A 33 7.20 3.93 -5.01
C VAL A 33 7.15 3.88 -5.08
N MET A 34 5.98 4.28 -4.61
CA MET A 34 5.43 3.81 -3.35
C MET A 34 4.34 2.80 -3.71
N SER A 35 4.38 1.64 -3.09
CA SER A 35 3.49 0.54 -3.46
C SER A 35 2.74 -0.02 -2.28
N TRP A 36 1.57 -0.57 -2.57
CA TRP A 36 0.86 -1.44 -1.64
C TRP A 36 0.89 -2.86 -2.18
N TYR A 37 1.28 -3.79 -1.31
CA TYR A 37 1.28 -5.22 -1.58
C TYR A 37 0.34 -5.90 -0.62
N ARG A 38 0.00 -7.15 -0.92
CA ARG A 38 -0.75 -7.93 0.05
C ARG A 38 -0.29 -9.39 -0.02
N GLN A 39 -0.44 -10.10 1.09
N GLN A 39 -0.40 -10.10 1.09
CA GLN A 39 -0.05 -11.51 1.13
CA GLN A 39 -0.11 -11.52 1.07
C GLN A 39 -1.00 -12.30 2.04
C GLN A 39 -1.05 -12.25 2.00
N ALA A 40 -1.69 -13.28 1.46
CA ALA A 40 -2.58 -14.15 2.22
C ALA A 40 -1.84 -15.44 2.52
N PRO A 41 -2.28 -16.19 3.55
CA PRO A 41 -1.61 -17.45 3.90
C PRO A 41 -1.53 -18.41 2.71
N GLY A 42 -0.34 -18.99 2.51
CA GLY A 42 -0.14 -19.97 1.46
C GLY A 42 -0.05 -19.42 0.06
N LYS A 43 -0.15 -18.10 -0.09
CA LYS A 43 -0.12 -17.48 -1.40
C LYS A 43 1.05 -16.53 -1.56
N GLN A 44 1.35 -16.15 -2.80
CA GLN A 44 2.43 -15.22 -3.07
C GLN A 44 2.02 -13.83 -2.61
N ARG A 45 3.02 -13.00 -2.31
CA ARG A 45 2.80 -11.59 -2.07
C ARG A 45 2.52 -10.96 -3.43
N GLU A 46 1.49 -10.13 -3.50
CA GLU A 46 1.03 -9.53 -4.74
C GLU A 46 1.08 -8.01 -4.69
N LEU A 47 1.61 -7.42 -5.74
N LEU A 47 1.60 -7.40 -5.75
CA LEU A 47 1.52 -5.97 -5.91
CA LEU A 47 1.51 -5.96 -5.91
C LEU A 47 0.07 -5.59 -6.20
C LEU A 47 0.04 -5.60 -6.18
N VAL A 48 -0.49 -4.67 -5.41
CA VAL A 48 -1.88 -4.27 -5.54
C VAL A 48 -2.06 -2.92 -6.27
N ALA A 49 -1.21 -1.95 -5.92
CA ALA A 49 -1.31 -0.61 -6.48
C ALA A 49 -0.02 0.12 -6.21
N PHE A 50 0.28 1.12 -7.03
CA PHE A 50 1.44 1.96 -6.77
C PHE A 50 1.17 3.37 -7.21
N ILE A 51 1.96 4.28 -6.66
CA ILE A 51 1.95 5.67 -7.09
C ILE A 51 3.39 6.13 -7.24
N THR A 52 3.71 6.75 -8.37
CA THR A 52 5.08 7.19 -8.64
C THR A 52 5.36 8.57 -8.07
N ASP A 53 6.63 8.95 -8.05
CA ASP A 53 7.03 10.29 -7.63
C ASP A 53 6.25 11.38 -8.36
N ARG A 54 5.90 11.13 -9.62
CA ARG A 54 5.17 12.10 -10.42
C ARG A 54 3.66 11.97 -10.29
N GLY A 55 3.20 11.00 -9.50
CA GLY A 55 1.79 10.88 -9.20
C GLY A 55 1.00 9.93 -10.08
N ARG A 56 1.71 9.21 -10.94
CA ARG A 56 1.07 8.23 -11.81
C ARG A 56 0.70 7.01 -10.97
N THR A 57 -0.49 6.46 -11.19
CA THR A 57 -0.94 5.29 -10.44
C THR A 57 -1.32 4.14 -11.36
N ASN A 58 -1.24 2.91 -10.86
CA ASN A 58 -1.81 1.79 -11.58
C ASN A 58 -2.22 0.74 -10.57
N TYR A 59 -3.00 -0.25 -11.01
CA TYR A 59 -3.73 -1.16 -10.14
C TYR A 59 -3.71 -2.56 -10.68
N LYS A 60 -3.65 -3.53 -9.78
CA LYS A 60 -3.89 -4.92 -10.08
C LYS A 60 -5.26 -5.00 -10.73
N VAL A 61 -5.37 -5.82 -11.76
N VAL A 61 -5.37 -5.82 -11.76
CA VAL A 61 -6.60 -5.87 -12.54
CA VAL A 61 -6.60 -5.89 -12.55
C VAL A 61 -7.83 -6.17 -11.68
C VAL A 61 -7.83 -6.17 -11.69
N SER A 62 -7.68 -7.08 -10.73
CA SER A 62 -8.82 -7.49 -9.89
C SER A 62 -9.35 -6.40 -8.96
N VAL A 63 -8.62 -5.30 -8.78
CA VAL A 63 -9.04 -4.24 -7.86
C VAL A 63 -9.33 -2.93 -8.57
N LYS A 64 -9.02 -2.86 -9.86
CA LYS A 64 -9.22 -1.62 -10.59
C LYS A 64 -10.71 -1.23 -10.60
N GLY A 65 -11.00 0.03 -10.27
CA GLY A 65 -12.36 0.49 -10.23
C GLY A 65 -12.96 0.46 -8.83
N ARG A 66 -12.30 -0.23 -7.89
CA ARG A 66 -12.81 -0.22 -6.51
C ARG A 66 -11.75 0.09 -5.45
N PHE A 67 -10.47 0.12 -5.81
CA PHE A 67 -9.40 0.60 -4.91
C PHE A 67 -8.83 1.89 -5.48
N THR A 68 -8.37 2.76 -4.60
CA THR A 68 -7.71 3.99 -5.01
C THR A 68 -6.48 4.22 -4.14
N ILE A 69 -5.34 4.40 -4.77
CA ILE A 69 -4.11 4.76 -4.05
C ILE A 69 -3.91 6.26 -4.22
N SER A 70 -3.45 6.91 -3.15
CA SER A 70 -3.21 8.33 -3.19
C SER A 70 -2.12 8.69 -2.20
N ARG A 71 -1.68 9.93 -2.25
CA ARG A 71 -0.56 10.36 -1.44
C ARG A 71 -0.79 11.78 -0.94
N ASP A 72 -0.33 12.03 0.28
CA ASP A 72 -0.30 13.39 0.81
C ASP A 72 1.15 13.69 1.18
N ASN A 73 1.82 14.45 0.32
CA ASN A 73 3.24 14.73 0.53
C ASN A 73 3.52 15.58 1.76
N SER A 74 2.56 16.44 2.12
CA SER A 74 2.73 17.32 3.27
C SER A 74 2.66 16.50 4.55
N LYS A 75 2.12 15.29 4.46
CA LYS A 75 2.01 14.42 5.62
C LYS A 75 2.91 13.19 5.51
N ASN A 76 3.60 13.06 4.39
CA ASN A 76 4.45 11.89 4.13
C ASN A 76 3.64 10.61 4.29
N MET A 77 2.48 10.59 3.63
N MET A 77 2.47 10.57 3.65
CA MET A 77 1.54 9.48 3.74
CA MET A 77 1.56 9.44 3.78
C MET A 77 1.18 8.95 2.38
C MET A 77 1.07 8.98 2.42
N VAL A 78 0.88 7.66 2.33
N VAL A 78 0.95 7.66 2.26
CA VAL A 78 0.28 7.05 1.16
CA VAL A 78 0.27 7.09 1.09
C VAL A 78 -0.91 6.25 1.64
C VAL A 78 -0.88 6.22 1.58
N TYR A 79 -2.04 6.38 0.95
CA TYR A 79 -3.26 5.73 1.39
C TYR A 79 -3.71 4.70 0.38
N LEU A 80 -4.40 3.67 0.85
CA LEU A 80 -5.11 2.75 -0.02
C LEU A 80 -6.58 2.70 0.42
N GLN A 81 -7.45 3.32 -0.39
CA GLN A 81 -8.88 3.25 -0.16
C GLN A 81 -9.41 2.00 -0.84
N MET A 82 -10.05 1.13 -0.07
N MET A 82 -10.06 1.12 -0.09
CA MET A 82 -10.55 -0.15 -0.57
CA MET A 82 -10.55 -0.15 -0.63
C MET A 82 -12.07 -0.15 -0.48
C MET A 82 -12.05 -0.20 -0.48
N ASN A 83 -12.74 -0.40 -1.60
CA ASN A 83 -14.19 -0.48 -1.62
C ASN A 83 -14.66 -1.81 -2.18
N SER A 84 -15.93 -2.11 -1.94
N SER A 84 -15.92 -2.13 -1.92
CA SER A 84 -16.55 -3.35 -2.40
CA SER A 84 -16.53 -3.35 -2.43
C SER A 84 -15.64 -4.54 -2.18
C SER A 84 -15.63 -4.55 -2.19
N LEU A 85 -15.21 -4.70 -0.93
CA LEU A 85 -14.23 -5.74 -0.59
C LEU A 85 -14.84 -7.13 -0.71
N LYS A 86 -14.00 -8.08 -1.14
CA LYS A 86 -14.38 -9.47 -1.31
C LYS A 86 -13.57 -10.32 -0.35
N PRO A 87 -14.09 -11.52 -0.01
CA PRO A 87 -13.29 -12.44 0.82
C PRO A 87 -11.87 -12.63 0.25
N GLU A 88 -11.73 -12.66 -1.08
CA GLU A 88 -10.42 -12.88 -1.70
C GLU A 88 -9.43 -11.75 -1.46
N ASP A 89 -9.91 -10.62 -0.94
CA ASP A 89 -9.05 -9.49 -0.62
C ASP A 89 -8.44 -9.61 0.79
N THR A 90 -8.83 -10.64 1.54
CA THR A 90 -8.27 -10.90 2.86
C THR A 90 -6.78 -11.18 2.75
N ALA A 91 -5.98 -10.46 3.53
CA ALA A 91 -4.53 -10.58 3.47
C ALA A 91 -3.89 -9.62 4.43
N ASP A 92 -2.60 -9.82 4.70
N ASP A 92 -2.59 -9.78 4.64
CA ASP A 92 -1.79 -8.77 5.29
CA ASP A 92 -1.79 -8.76 5.29
C ASP A 92 -1.39 -7.80 4.17
C ASP A 92 -1.29 -7.78 4.23
N TYR A 93 -1.62 -6.51 4.40
CA TYR A 93 -1.27 -5.48 3.42
C TYR A 93 -0.02 -4.74 3.89
N LEU A 94 0.95 -4.59 2.99
CA LEU A 94 2.23 -4.00 3.33
C LEU A 94 2.60 -2.94 2.32
N CYS A 95 3.19 -1.86 2.78
N CYS A 95 3.28 -1.92 2.82
CA CYS A 95 3.67 -0.88 1.82
CA CYS A 95 3.75 -0.79 2.03
C CYS A 95 5.18 -1.01 1.60
C CYS A 95 5.23 -0.99 1.64
N ARG A 96 5.63 -0.42 0.51
CA ARG A 96 7.00 -0.52 0.06
C ARG A 96 7.40 0.79 -0.60
N ALA A 97 8.65 1.20 -0.38
CA ALA A 97 9.24 2.36 -1.02
C ALA A 97 10.44 1.86 -1.82
N GLU A 98 10.50 2.22 -3.11
CA GLU A 98 11.59 1.79 -3.98
C GLU A 98 12.13 2.90 -4.85
N SER A 99 13.45 2.99 -4.91
CA SER A 99 14.13 3.81 -5.89
C SER A 99 15.35 3.06 -6.40
N ARG A 100 15.44 2.86 -7.71
CA ARG A 100 16.60 2.22 -8.30
C ARG A 100 17.81 3.13 -8.19
N THR A 101 19.01 2.54 -8.21
CA THR A 101 20.23 3.32 -8.17
C THR A 101 20.25 4.34 -9.31
N SER A 102 20.71 5.54 -9.03
CA SER A 102 20.78 6.59 -10.03
C SER A 102 21.86 7.59 -9.68
N TRP A 103 22.15 8.50 -10.61
CA TRP A 103 23.20 9.49 -10.39
C TRP A 103 23.01 10.26 -9.08
N SER A 104 21.81 10.78 -8.85
CA SER A 104 21.55 11.58 -7.65
C SER A 104 21.18 10.71 -6.45
N SER A 105 20.79 9.47 -6.71
CA SER A 105 20.51 8.50 -5.66
C SER A 105 21.31 7.23 -5.90
N PRO A 106 22.64 7.29 -5.70
CA PRO A 106 23.52 6.17 -6.05
C PRO A 106 23.24 4.92 -5.21
N SER A 107 22.77 5.12 -3.99
N SER A 107 22.76 5.10 -3.99
CA SER A 107 22.37 4.01 -3.13
CA SER A 107 22.42 3.97 -3.15
C SER A 107 20.92 3.65 -3.38
C SER A 107 20.94 3.62 -3.30
N PRO A 108 20.65 2.38 -3.72
CA PRO A 108 19.27 1.95 -3.99
C PRO A 108 18.42 2.01 -2.74
N LEU A 109 17.13 2.30 -2.91
CA LEU A 109 16.17 2.29 -1.82
C LEU A 109 15.21 1.13 -2.03
N ASP A 110 15.07 0.29 -1.02
CA ASP A 110 14.07 -0.76 -1.02
C ASP A 110 13.72 -1.03 0.44
N VAL A 111 12.59 -0.47 0.86
CA VAL A 111 12.15 -0.54 2.24
C VAL A 111 10.72 -1.07 2.29
N TRP A 112 10.48 -2.00 3.19
CA TRP A 112 9.16 -2.56 3.42
C TRP A 112 8.63 -2.13 4.78
N GLY A 113 7.32 -1.96 4.89
CA GLY A 113 6.68 -1.87 6.19
C GLY A 113 6.47 -3.27 6.75
N ARG A 114 5.89 -3.36 7.95
CA ARG A 114 5.66 -4.66 8.55
C ARG A 114 4.28 -5.24 8.24
N GLY A 115 3.34 -4.38 7.87
CA GLY A 115 2.03 -4.83 7.46
C GLY A 115 0.89 -4.52 8.41
N THR A 116 -0.33 -4.49 7.86
CA THR A 116 -1.54 -4.35 8.64
C THR A 116 -2.54 -5.40 8.13
N GLN A 117 -3.30 -6.00 9.03
CA GLN A 117 -4.13 -7.16 8.71
C GLN A 117 -5.53 -6.79 8.27
N VAL A 118 -5.91 -7.28 7.08
CA VAL A 118 -7.24 -7.04 6.53
C VAL A 118 -8.01 -8.35 6.42
N THR A 119 -9.18 -8.42 7.02
CA THR A 119 -10.01 -9.61 6.95
C THR A 119 -11.38 -9.24 6.42
N VAL A 120 -11.77 -9.86 5.30
CA VAL A 120 -13.07 -9.59 4.71
C VAL A 120 -13.89 -10.83 4.96
N SER A 121 -14.79 -10.76 5.92
CA SER A 121 -15.53 -11.93 6.33
C SER A 121 -16.81 -11.53 7.03
N SER A 122 -17.79 -12.42 7.01
CA SER A 122 -18.97 -12.25 7.83
C SER A 122 -18.92 -13.31 8.93
#